data_6LQF
#
_entry.id   6LQF
#
_cell.length_a   56.173
_cell.length_b   59.428
_cell.length_c   92.958
_cell.angle_alpha   90.000
_cell.angle_beta   90.000
_cell.angle_gamma   90.000
#
_symmetry.space_group_name_H-M   'P 21 21 21'
#
loop_
_entity.id
_entity.type
_entity.pdbx_description
1 polymer 'AT-rich interactive domain-containing protein 4'
2 polymer '15-mer peptide from Histone H3.2'
3 polymer "DNA (5'-D(*TP*TP*TP*AP*GP*AP*TP*CP*TP*AP*AP*A)-3')"
4 non-polymer 'ZINC ION'
5 water water
#
loop_
_entity_poly.entity_id
_entity_poly.type
_entity_poly.pdbx_seq_one_letter_code
_entity_poly.pdbx_strand_id
1 'polypeptide(L)'
;SQIISLNPLPLKKHDCGRAHIQVCSEEEFLRDVMQFLLIRGHTRLVPPGGLAEFPDAVLNSKRLDLFNLYREVVSRGGFH
VGNGINWKGQVFSKMRNHTLTNRMTGVGNTLKRHYETYLLEYEYAHDDVDGECCLICRSSTAGDWVNCGSCGEWAHFGCD
RRPGLGAFKDYAKTDGLEYVCPNCSVSNYRKKSQKTSNGGLLVP
;
A
2 'polypeptide(L)' ART(M3L)QTARKSTGGKA P
3 'polydeoxyribonucleotide' (DT)(DT)(DT)(DA)(DG)(DA)(DT)(DC)(DT)(DA)(DA)(DA) B,C
#
loop_
_chem_comp.id
_chem_comp.type
_chem_comp.name
_chem_comp.formula
DA DNA linking 2'-DEOXYADENOSINE-5'-MONOPHOSPHATE 'C10 H14 N5 O6 P'
DC DNA linking 2'-DEOXYCYTIDINE-5'-MONOPHOSPHATE 'C9 H14 N3 O7 P'
DG DNA linking 2'-DEOXYGUANOSINE-5'-MONOPHOSPHATE 'C10 H14 N5 O7 P'
DT DNA linking THYMIDINE-5'-MONOPHOSPHATE 'C10 H15 N2 O8 P'
ZN non-polymer 'ZINC ION' 'Zn 2'
#
# COMPACT_ATOMS: atom_id res chain seq x y z
N LYS A 12 -11.54 -2.53 -19.45
CA LYS A 12 -10.42 -2.04 -18.65
C LYS A 12 -10.76 -2.04 -17.14
N LYS A 13 -11.96 -1.59 -16.77
CA LYS A 13 -12.34 -1.49 -15.35
C LYS A 13 -13.42 -2.50 -14.97
N HIS A 14 -13.36 -2.97 -13.73
CA HIS A 14 -14.37 -3.85 -13.15
C HIS A 14 -15.66 -3.06 -12.99
N ASP A 15 -16.84 -3.61 -13.22
CA ASP A 15 -17.94 -2.68 -12.94
C ASP A 15 -18.26 -2.66 -11.44
N CYS A 16 -18.76 -3.76 -10.91
CA CYS A 16 -18.82 -3.96 -9.47
C CYS A 16 -19.49 -2.86 -8.63
N GLY A 17 -19.17 -1.59 -8.82
CA GLY A 17 -19.70 -0.55 -7.93
C GLY A 17 -19.26 -0.64 -6.47
N ARG A 18 -18.13 -1.28 -6.23
CA ARG A 18 -17.53 -1.40 -4.90
C ARG A 18 -17.31 -0.02 -4.32
N ALA A 19 -17.48 0.10 -3.01
CA ALA A 19 -17.22 1.35 -2.29
C ALA A 19 -15.81 1.90 -2.58
N HIS A 20 -15.66 3.23 -2.57
CA HIS A 20 -14.36 3.84 -2.68
C HIS A 20 -13.41 3.34 -1.59
N ILE A 21 -12.14 3.28 -1.90
CA ILE A 21 -11.18 2.56 -1.04
C ILE A 21 -11.01 3.22 0.32
N GLN A 22 -11.30 4.51 0.43
CA GLN A 22 -11.19 5.19 1.73
C GLN A 22 -12.23 4.74 2.76
N VAL A 23 -13.35 4.22 2.29
CA VAL A 23 -14.46 3.88 3.18
C VAL A 23 -14.91 2.41 2.97
N CYS A 24 -14.20 1.64 2.16
CA CYS A 24 -14.63 0.27 1.86
C CYS A 24 -14.25 -0.66 2.99
N SER A 25 -15.17 -1.55 3.40
CA SER A 25 -14.87 -2.50 4.45
C SER A 25 -14.06 -3.65 3.87
N GLU A 26 -13.37 -4.32 4.78
CA GLU A 26 -12.59 -5.47 4.41
C GLU A 26 -13.44 -6.54 3.75
N GLU A 27 -14.62 -6.80 4.27
CA GLU A 27 -15.43 -7.88 3.68
C GLU A 27 -15.89 -7.51 2.27
N GLU A 28 -16.38 -6.30 2.08
CA GLU A 28 -16.77 -5.86 0.75
C GLU A 28 -15.61 -5.90 -0.24
N PHE A 29 -14.41 -5.46 0.20
CA PHE A 29 -13.24 -5.55 -0.65
C PHE A 29 -12.92 -7.00 -1.04
N LEU A 30 -12.81 -7.89 -0.05
CA LEU A 30 -12.39 -9.24 -0.34
C LEU A 30 -13.40 -9.96 -1.23
N ARG A 31 -14.68 -9.72 -1.02
CA ARG A 31 -15.68 -10.34 -1.90
C ARG A 31 -15.53 -9.82 -3.31
N ASP A 32 -15.20 -8.54 -3.46
CA ASP A 32 -15.00 -8.01 -4.82
C ASP A 32 -13.73 -8.60 -5.46
N VAL A 33 -12.68 -8.81 -4.67
CA VAL A 33 -11.47 -9.46 -5.21
C VAL A 33 -11.77 -10.88 -5.67
N MET A 34 -12.55 -11.64 -4.85
CA MET A 34 -12.88 -13.02 -5.23
C MET A 34 -13.67 -13.02 -6.54
N GLN A 35 -14.64 -12.11 -6.67
CA GLN A 35 -15.48 -12.10 -7.88
C GLN A 35 -14.63 -11.76 -9.11
N PHE A 36 -13.70 -10.83 -8.93
CA PHE A 36 -12.81 -10.40 -10.01
C PHE A 36 -11.91 -11.53 -10.44
N LEU A 37 -11.29 -12.22 -9.49
CA LEU A 37 -10.40 -13.33 -9.81
C LEU A 37 -11.15 -14.42 -10.57
N LEU A 38 -12.41 -14.65 -10.20
CA LEU A 38 -13.20 -15.67 -10.94
C LEU A 38 -13.52 -15.20 -12.35
N ILE A 39 -13.91 -13.95 -12.53
CA ILE A 39 -14.22 -13.50 -13.88
C ILE A 39 -12.97 -13.47 -14.79
N ARG A 40 -11.78 -13.34 -14.20
CA ARG A 40 -10.54 -13.40 -14.94
C ARG A 40 -10.01 -14.82 -15.17
N GLY A 41 -10.78 -15.80 -14.68
CA GLY A 41 -10.40 -17.18 -14.88
C GLY A 41 -9.35 -17.77 -13.96
N HIS A 42 -9.03 -17.10 -12.85
CA HIS A 42 -8.02 -17.65 -11.94
C HIS A 42 -8.69 -18.46 -10.85
N THR A 43 -9.44 -19.47 -11.26
CA THR A 43 -10.24 -20.30 -10.35
C THR A 43 -9.42 -20.91 -9.22
N ARG A 44 -8.16 -21.24 -9.45
CA ARG A 44 -7.36 -21.90 -8.40
C ARG A 44 -7.08 -20.99 -7.20
N LEU A 45 -7.24 -19.68 -7.40
CA LEU A 45 -7.00 -18.71 -6.31
C LEU A 45 -8.19 -18.53 -5.37
N VAL A 46 -9.36 -19.07 -5.71
CA VAL A 46 -10.54 -18.93 -4.87
C VAL A 46 -11.00 -20.31 -4.42
N PRO A 47 -10.60 -20.72 -3.21
CA PRO A 47 -10.90 -22.06 -2.70
C PRO A 47 -12.39 -22.23 -2.39
N PRO A 48 -12.86 -23.50 -2.34
CA PRO A 48 -14.22 -23.69 -1.84
C PRO A 48 -14.36 -23.24 -0.39
N GLY A 49 -15.58 -22.89 -0.01
CA GLY A 49 -15.84 -22.45 1.37
C GLY A 49 -15.98 -20.96 1.53
N GLY A 50 -16.03 -20.27 0.41
CA GLY A 50 -16.32 -18.85 0.41
C GLY A 50 -15.27 -17.98 1.06
N LEU A 51 -15.75 -16.82 1.53
CA LEU A 51 -14.86 -15.78 1.99
C LEU A 51 -14.04 -16.23 3.20
N ALA A 52 -14.59 -17.07 4.05
CA ALA A 52 -13.87 -17.55 5.22
C ALA A 52 -12.55 -18.26 4.93
N GLU A 53 -12.48 -18.90 3.75
CA GLU A 53 -11.30 -19.64 3.30
C GLU A 53 -10.35 -18.90 2.32
N PHE A 54 -10.65 -17.63 2.04
CA PHE A 54 -9.90 -16.86 1.03
C PHE A 54 -9.00 -15.84 1.70
N PRO A 55 -7.73 -15.71 1.30
CA PRO A 55 -7.01 -16.59 0.33
C PRO A 55 -6.41 -17.79 1.03
N ASP A 56 -6.02 -18.80 0.26
CA ASP A 56 -5.30 -19.94 0.80
C ASP A 56 -3.82 -19.72 0.75
N ALA A 57 -3.37 -18.75 1.50
CA ALA A 57 -1.97 -18.32 1.56
C ALA A 57 -1.71 -17.89 2.99
N VAL A 58 -0.52 -18.21 3.46
CA VAL A 58 -0.11 -17.95 4.84
C VAL A 58 1.19 -17.15 4.79
N LEU A 59 1.28 -16.16 5.70
CA LEU A 59 2.45 -15.31 5.87
C LEU A 59 2.66 -15.14 7.38
N ASN A 60 3.84 -15.51 7.86
CA ASN A 60 4.20 -15.44 9.26
C ASN A 60 3.12 -16.11 10.12
N SER A 61 2.71 -17.30 9.70
CA SER A 61 1.74 -18.18 10.41
C SER A 61 0.32 -17.66 10.50
N LYS A 62 -0.05 -16.60 9.78
CA LYS A 62 -1.41 -16.15 9.72
C LYS A 62 -1.87 -16.08 8.28
N ARG A 63 -3.18 -16.17 8.04
CA ARG A 63 -3.69 -16.05 6.66
C ARG A 63 -3.26 -14.70 6.06
N LEU A 64 -2.84 -14.69 4.81
CA LEU A 64 -2.38 -13.45 4.19
C LEU A 64 -3.45 -12.34 4.20
N ASP A 65 -3.08 -11.15 4.69
CA ASP A 65 -3.99 -10.00 4.83
C ASP A 65 -3.99 -9.14 3.57
N LEU A 66 -4.79 -9.52 2.60
CA LEU A 66 -4.78 -8.85 1.29
C LEU A 66 -5.33 -7.44 1.35
N PHE A 67 -6.26 -7.18 2.28
CA PHE A 67 -6.84 -5.82 2.37
C PHE A 67 -5.82 -4.77 2.74
N ASN A 68 -5.02 -5.06 3.76
CA ASN A 68 -4.04 -4.04 4.16
C ASN A 68 -2.87 -4.02 3.19
N LEU A 69 -2.52 -5.17 2.58
CA LEU A 69 -1.46 -5.17 1.57
C LEU A 69 -1.88 -4.24 0.43
N TYR A 70 -3.11 -4.39 -0.03
CA TYR A 70 -3.63 -3.56 -1.14
C TYR A 70 -3.67 -2.09 -0.77
N ARG A 71 -4.22 -1.76 0.42
CA ARG A 71 -4.35 -0.34 0.81
C ARG A 71 -2.98 0.34 0.89
N GLU A 72 -1.99 -0.37 1.44
CA GLU A 72 -0.70 0.26 1.62
C GLU A 72 0.00 0.50 0.28
N VAL A 73 -0.21 -0.38 -0.68
CA VAL A 73 0.45 -0.24 -1.98
C VAL A 73 -0.25 0.78 -2.85
N VAL A 74 -1.58 0.80 -2.87
CA VAL A 74 -2.22 1.73 -3.81
C VAL A 74 -2.10 3.16 -3.25
N SER A 75 -2.03 3.31 -1.92
CA SER A 75 -1.87 4.68 -1.32
C SER A 75 -0.53 5.28 -1.69
N ARG A 76 0.43 4.44 -2.11
CA ARG A 76 1.76 4.92 -2.50
C ARG A 76 1.98 4.94 -4.01
N GLY A 77 0.91 4.80 -4.78
CA GLY A 77 1.03 4.93 -6.21
C GLY A 77 0.96 3.64 -6.97
N GLY A 78 0.73 2.51 -6.29
CA GLY A 78 0.53 1.24 -7.01
C GLY A 78 1.80 0.42 -7.14
N PHE A 79 1.65 -0.80 -7.67
CA PHE A 79 2.73 -1.76 -7.73
C PHE A 79 3.95 -1.33 -8.52
N HIS A 80 3.68 -0.50 -9.51
CA HIS A 80 4.74 -0.01 -10.41
C HIS A 80 5.80 0.83 -9.67
N VAL A 81 5.45 1.36 -8.50
CA VAL A 81 6.45 2.08 -7.74
C VAL A 81 7.55 1.12 -7.28
N GLY A 82 7.26 -0.18 -7.20
CA GLY A 82 8.31 -1.14 -7.03
C GLY A 82 9.06 -1.04 -5.74
N ASN A 83 10.39 -0.95 -5.79
CA ASN A 83 11.16 -0.87 -4.58
C ASN A 83 11.19 0.57 -4.05
N GLY A 84 10.45 1.48 -4.70
CA GLY A 84 10.19 2.80 -4.13
C GLY A 84 9.19 2.74 -2.97
N ILE A 85 8.62 1.55 -2.76
CA ILE A 85 7.79 1.23 -1.57
C ILE A 85 8.70 0.46 -0.62
N ASN A 86 8.67 0.77 0.67
CA ASN A 86 9.36 -0.04 1.66
C ASN A 86 8.42 -1.15 2.08
N TRP A 87 8.61 -2.34 1.48
CA TRP A 87 7.68 -3.45 1.66
C TRP A 87 7.80 -4.02 3.07
N LYS A 88 9.01 -4.37 3.50
CA LYS A 88 9.15 -4.87 4.86
C LYS A 88 8.79 -3.87 5.94
N GLY A 89 9.23 -2.63 5.75
CA GLY A 89 9.13 -1.62 6.79
C GLY A 89 7.86 -0.79 6.84
N GLN A 90 7.16 -0.63 5.73
CA GLN A 90 5.94 0.19 5.72
C GLN A 90 4.71 -0.56 5.23
N VAL A 91 4.86 -1.68 4.50
CA VAL A 91 3.65 -2.40 4.08
C VAL A 91 3.37 -3.50 5.07
N PHE A 92 4.39 -4.35 5.27
CA PHE A 92 4.25 -5.48 6.21
C PHE A 92 3.86 -5.03 7.60
N SER A 93 4.37 -3.91 8.06
CA SER A 93 4.07 -3.40 9.41
C SER A 93 2.61 -3.05 9.64
N LYS A 94 1.81 -2.91 8.59
CA LYS A 94 0.41 -2.56 8.69
C LYS A 94 -0.50 -3.75 8.49
N MET A 95 0.10 -4.90 8.16
CA MET A 95 -0.68 -6.12 7.96
C MET A 95 -0.87 -6.92 9.20
N ARG A 96 -1.97 -7.68 9.25
CA ARG A 96 -2.18 -8.56 10.42
C ARG A 96 -1.05 -9.57 10.58
N ASN A 97 -0.32 -9.85 9.48
CA ASN A 97 0.75 -10.85 9.50
C ASN A 97 1.99 -10.38 10.25
N HIS A 98 2.11 -9.07 10.51
CA HIS A 98 3.24 -8.59 11.24
C HIS A 98 3.28 -9.06 12.69
N THR A 99 4.47 -9.43 13.15
CA THR A 99 4.73 -9.55 14.59
C THR A 99 6.00 -8.75 14.92
N LEU A 100 6.05 -8.23 16.16
CA LEU A 100 7.13 -7.37 16.63
C LEU A 100 8.49 -8.01 16.41
N THR A 101 8.60 -9.25 16.86
CA THR A 101 9.80 -10.03 16.67
C THR A 101 9.41 -11.10 15.66
N ASN A 102 10.01 -10.98 14.49
CA ASN A 102 9.80 -11.93 13.41
C ASN A 102 11.11 -12.06 12.69
N ARG A 103 11.28 -13.17 11.98
CA ARG A 103 12.46 -13.37 11.15
C ARG A 103 12.05 -13.49 9.66
N MET A 104 11.16 -12.61 9.24
CA MET A 104 10.62 -12.61 7.88
C MET A 104 11.54 -11.83 6.96
N THR A 105 12.74 -12.34 6.79
CA THR A 105 13.79 -11.65 6.11
C THR A 105 13.57 -11.50 4.62
N GLY A 106 12.73 -12.35 4.06
CA GLY A 106 12.47 -12.23 2.63
C GLY A 106 11.06 -11.71 2.38
N VAL A 107 10.53 -10.96 3.34
CA VAL A 107 9.14 -10.64 3.26
C VAL A 107 8.81 -9.66 2.16
N GLY A 108 9.72 -8.71 1.85
CA GLY A 108 9.42 -7.83 0.74
C GLY A 108 9.23 -8.57 -0.56
N ASN A 109 10.14 -9.49 -0.86
CA ASN A 109 9.99 -10.27 -2.08
C ASN A 109 8.68 -11.12 -2.06
N THR A 110 8.42 -11.74 -0.90
CA THR A 110 7.21 -12.52 -0.75
C THR A 110 5.95 -11.68 -0.99
N LEU A 111 5.92 -10.47 -0.40
CA LEU A 111 4.74 -9.63 -0.58
C LEU A 111 4.56 -9.18 -2.03
N LYS A 112 5.67 -8.88 -2.72
CA LYS A 112 5.56 -8.52 -4.12
C LYS A 112 5.01 -9.68 -4.95
N ARG A 113 5.42 -10.94 -4.65
CA ARG A 113 4.91 -12.10 -5.37
C ARG A 113 3.42 -12.29 -5.07
N HIS A 114 3.01 -12.11 -3.81
CA HIS A 114 1.59 -12.27 -3.49
C HIS A 114 0.77 -11.16 -4.15
N TYR A 115 1.35 -9.94 -4.24
CA TYR A 115 0.60 -8.87 -4.85
C TYR A 115 0.40 -9.19 -6.33
N GLU A 116 1.46 -9.64 -6.99
CA GLU A 116 1.33 -10.09 -8.38
C GLU A 116 0.27 -11.17 -8.56
N THR A 117 0.21 -12.15 -7.67
CA THR A 117 -0.78 -13.25 -7.78
C THR A 117 -2.22 -12.75 -7.60
N TYR A 118 -2.47 -12.00 -6.51
CA TYR A 118 -3.85 -11.74 -6.11
C TYR A 118 -4.38 -10.39 -6.52
N LEU A 119 -3.45 -9.38 -6.65
CA LEU A 119 -3.93 -7.98 -6.61
C LEU A 119 -3.52 -7.12 -7.79
N LEU A 120 -2.54 -7.54 -8.61
CA LEU A 120 -2.06 -6.61 -9.63
C LEU A 120 -3.09 -6.32 -10.74
N GLU A 121 -3.69 -7.39 -11.28
CA GLU A 121 -4.75 -7.19 -12.26
C GLU A 121 -5.93 -6.44 -11.67
N TYR A 122 -6.23 -6.78 -10.42
CA TYR A 122 -7.30 -6.04 -9.70
C TYR A 122 -7.00 -4.56 -9.62
N GLU A 123 -5.76 -4.24 -9.27
CA GLU A 123 -5.37 -2.81 -9.17
C GLU A 123 -5.61 -2.09 -10.50
N TYR A 124 -5.18 -2.72 -11.61
CA TYR A 124 -5.36 -2.09 -12.92
C TYR A 124 -6.87 -1.90 -13.26
N ALA A 125 -7.70 -2.82 -12.79
CA ALA A 125 -9.15 -2.72 -13.11
C ALA A 125 -9.95 -1.85 -12.16
N HIS A 126 -9.30 -1.20 -11.20
CA HIS A 126 -10.01 -0.31 -10.27
C HIS A 126 -9.38 1.07 -10.26
N ASP A 127 -9.95 1.98 -9.47
CA ASP A 127 -9.47 3.37 -9.48
C ASP A 127 -9.09 3.77 -8.09
N ASP A 128 -8.24 2.96 -7.47
CA ASP A 128 -7.89 3.15 -6.09
C ASP A 128 -6.52 3.74 -5.86
N VAL A 129 -5.74 3.93 -6.92
CA VAL A 129 -4.34 4.36 -6.75
C VAL A 129 -4.22 5.86 -6.53
N ASP A 130 -3.45 6.27 -5.50
CA ASP A 130 -3.22 7.70 -5.16
C ASP A 130 -2.36 8.39 -6.18
N GLY A 131 -2.89 9.48 -6.73
CA GLY A 131 -2.14 10.25 -7.71
C GLY A 131 -2.08 11.72 -7.30
N GLU A 132 -2.05 11.97 -6.00
CA GLU A 132 -1.97 13.35 -5.46
C GLU A 132 -0.70 14.05 -5.90
N CYS A 133 -0.81 15.36 -6.04
CA CYS A 133 0.36 16.19 -6.35
C CYS A 133 1.03 16.62 -5.04
N CYS A 134 2.23 17.15 -5.16
CA CYS A 134 2.97 17.72 -4.04
C CYS A 134 2.26 18.94 -3.47
N LEU A 135 2.09 18.96 -2.15
CA LEU A 135 1.34 20.04 -1.50
C LEU A 135 2.11 21.33 -1.61
N ILE A 136 3.42 21.23 -1.79
CA ILE A 136 4.26 22.47 -1.95
C ILE A 136 4.28 22.99 -3.37
N CYS A 137 4.77 22.19 -4.31
CA CYS A 137 4.95 22.67 -5.71
C CYS A 137 3.82 22.38 -6.67
N ARG A 138 2.88 21.53 -6.25
CA ARG A 138 1.63 21.25 -6.97
C ARG A 138 1.85 20.42 -8.24
N SER A 139 3.00 19.74 -8.32
CA SER A 139 3.26 18.85 -9.45
C SER A 139 3.44 17.41 -8.98
N SER A 140 3.51 16.47 -9.95
CA SER A 140 3.68 15.05 -9.63
C SER A 140 5.04 14.50 -10.01
N THR A 141 6.02 15.38 -10.12
CA THR A 141 7.39 15.03 -10.53
C THR A 141 7.95 13.83 -9.80
N ALA A 142 8.74 13.02 -10.51
CA ALA A 142 9.32 11.82 -9.91
C ALA A 142 10.34 12.20 -8.84
N GLY A 143 10.42 11.40 -7.77
CA GLY A 143 11.36 11.73 -6.73
C GLY A 143 10.94 11.10 -5.41
N ASP A 144 11.60 11.55 -4.33
CA ASP A 144 11.28 11.07 -2.99
C ASP A 144 10.16 11.88 -2.38
N TRP A 145 9.17 11.21 -1.79
CA TRP A 145 8.05 11.88 -1.14
C TRP A 145 7.88 11.46 0.30
N VAL A 146 7.38 12.37 1.13
CA VAL A 146 6.94 12.04 2.48
C VAL A 146 5.48 12.47 2.68
N ASN A 147 4.74 11.69 3.48
CA ASN A 147 3.34 11.97 3.75
C ASN A 147 3.26 12.76 5.08
N CYS A 148 2.54 13.86 5.07
CA CYS A 148 2.38 14.61 6.30
C CYS A 148 1.56 13.87 7.32
N GLY A 149 2.12 13.72 8.52
CA GLY A 149 1.40 13.03 9.60
C GLY A 149 0.21 13.85 10.12
N SER A 150 0.15 15.13 9.83
CA SER A 150 -0.92 15.96 10.37
C SER A 150 -2.11 16.06 9.39
N CYS A 151 -1.86 16.42 8.14
CA CYS A 151 -2.94 16.64 7.19
C CYS A 151 -3.14 15.48 6.22
N GLY A 152 -2.17 14.57 6.15
CA GLY A 152 -2.22 13.41 5.26
C GLY A 152 -1.94 13.72 3.78
N GLU A 153 -1.53 14.93 3.44
CA GLU A 153 -1.15 15.22 2.07
C GLU A 153 0.29 14.81 1.84
N TRP A 154 0.72 14.83 0.58
CA TRP A 154 2.03 14.37 0.22
C TRP A 154 2.93 15.49 -0.29
N ALA A 155 4.19 15.44 0.09
CA ALA A 155 5.17 16.45 -0.33
C ALA A 155 6.42 15.79 -0.89
N HIS A 156 7.00 16.36 -1.95
CA HIS A 156 8.36 15.97 -2.25
C HIS A 156 9.29 16.35 -1.12
N PHE A 157 10.16 15.45 -0.73
CA PHE A 157 11.14 15.75 0.30
C PHE A 157 11.97 16.96 -0.09
N GLY A 158 12.30 17.01 -1.39
CA GLY A 158 13.13 18.09 -1.97
C GLY A 158 12.45 19.43 -1.98
N CYS A 159 11.15 19.47 -1.83
CA CYS A 159 10.45 20.77 -1.85
C CYS A 159 10.37 21.40 -0.45
N ASP A 160 10.84 20.67 0.55
CA ASP A 160 10.81 21.19 1.92
C ASP A 160 12.23 21.65 2.24
N ARG A 161 12.44 22.97 2.30
CA ARG A 161 13.81 23.48 2.47
C ARG A 161 14.08 23.95 3.90
N ARG A 162 13.22 23.58 4.84
CA ARG A 162 13.45 23.92 6.24
C ARG A 162 14.68 23.24 6.79
N PRO A 163 15.49 23.99 7.55
CA PRO A 163 16.63 23.38 8.25
C PRO A 163 16.20 22.36 9.30
N GLY A 164 17.04 21.38 9.59
CA GLY A 164 16.76 20.51 10.73
C GLY A 164 15.90 19.30 10.38
N LEU A 165 15.64 19.11 9.08
CA LEU A 165 14.91 17.91 8.65
C LEU A 165 15.86 16.75 8.66
N GLY A 166 15.37 15.53 8.84
CA GLY A 166 16.33 14.43 8.81
C GLY A 166 16.72 14.07 7.39
N ALA A 167 17.56 13.05 7.23
CA ALA A 167 17.81 12.50 5.90
C ALA A 167 16.57 11.74 5.47
N PHE A 168 16.34 11.64 4.16
CA PHE A 168 15.15 10.95 3.69
C PHE A 168 15.10 9.52 4.21
N LYS A 169 16.25 8.86 4.27
CA LYS A 169 16.28 7.46 4.67
C LYS A 169 15.79 7.29 6.12
N ASP A 170 15.88 8.35 6.93
CA ASP A 170 15.42 8.23 8.31
C ASP A 170 13.92 8.43 8.45
N TYR A 171 13.27 8.97 7.42
CA TYR A 171 11.82 8.98 7.33
C TYR A 171 11.32 7.65 6.74
N ALA A 172 12.07 7.12 5.78
CA ALA A 172 11.59 5.95 5.06
C ALA A 172 11.80 4.61 5.78
N LYS A 173 12.79 4.52 6.65
CA LYS A 173 13.02 3.28 7.39
C LYS A 173 11.82 2.95 8.29
N THR A 174 11.68 1.68 8.64
CA THR A 174 10.56 1.30 9.49
C THR A 174 10.52 2.11 10.80
N ASP A 175 9.31 2.55 11.14
CA ASP A 175 9.05 3.37 12.33
C ASP A 175 10.02 4.53 12.36
N GLY A 176 10.11 5.21 11.22
CA GLY A 176 11.01 6.32 11.09
C GLY A 176 10.50 7.65 11.65
N LEU A 177 11.23 8.69 11.33
CA LEU A 177 10.93 10.04 11.86
C LEU A 177 9.51 10.49 11.53
N GLU A 178 8.90 11.26 12.44
CA GLU A 178 7.62 11.90 12.17
C GLU A 178 7.83 13.04 11.15
N TYR A 179 6.96 13.16 10.15
CA TYR A 179 7.04 14.29 9.24
C TYR A 179 5.77 15.15 9.36
N VAL A 180 5.95 16.47 9.55
CA VAL A 180 4.84 17.41 9.54
C VAL A 180 5.18 18.46 8.52
N CYS A 181 4.30 18.69 7.57
CA CYS A 181 4.61 19.57 6.43
C CYS A 181 4.67 21.06 6.82
N PRO A 182 5.23 21.91 5.93
CA PRO A 182 5.39 23.33 6.31
C PRO A 182 4.05 24.01 6.53
N ASN A 183 3.01 23.63 5.79
CA ASN A 183 1.70 24.26 5.99
C ASN A 183 1.05 23.93 7.33
N CYS A 184 1.28 22.73 7.86
CA CYS A 184 0.71 22.30 9.14
C CYS A 184 1.48 22.77 10.36
N SER A 185 2.78 22.94 10.20
CA SER A 185 3.67 23.19 11.33
C SER A 185 3.31 24.42 12.13
N VAL A 186 3.24 24.25 13.45
CA VAL A 186 3.16 25.41 14.33
C VAL A 186 4.52 25.61 15.02
N ALA B 1 8.06 8.01 8.83
CA ALA B 1 6.90 8.57 8.16
C ALA B 1 6.46 7.61 7.09
N ARG B 2 5.24 7.81 6.62
CA ARG B 2 4.84 7.14 5.36
C ARG B 2 5.57 7.82 4.21
N THR B 3 6.19 7.03 3.33
CA THR B 3 6.96 7.59 2.21
C THR B 3 6.72 6.84 0.92
N M3L B 4 7.23 7.40 -0.17
CA M3L B 4 7.30 6.64 -1.41
CB M3L B 4 5.97 6.66 -2.17
CG M3L B 4 5.54 8.06 -2.61
CD M3L B 4 4.13 8.04 -3.20
CE M3L B 4 3.68 9.44 -3.64
NZ M3L B 4 2.32 9.63 -4.24
C M3L B 4 8.34 7.29 -2.28
O M3L B 4 8.62 8.47 -2.14
CM1 M3L B 4 2.21 8.81 -5.48
CM2 M3L B 4 1.95 11.07 -4.53
CM3 M3L B 4 1.29 9.11 -3.27
N GLN B 5 8.96 6.53 -3.19
CA GLN B 5 9.97 7.03 -4.12
C GLN B 5 9.47 6.66 -5.52
N THR B 6 9.19 7.66 -6.35
CA THR B 6 8.63 7.41 -7.68
C THR B 6 9.68 7.62 -8.74
ZN ZN E . -14.49 -4.36 -8.46
ZN ZN F . 0.41 18.87 6.58
ZN ZN G . 7.13 19.31 -4.85
#